data_3HD6
#
_entry.id   3HD6
#
_cell.length_a   99.830
_cell.length_b   99.830
_cell.length_c   101.076
_cell.angle_alpha   90.00
_cell.angle_beta   90.00
_cell.angle_gamma   120.00
#
_symmetry.space_group_name_H-M   'P 63'
#
loop_
_entity.id
_entity.type
_entity.pdbx_description
1 polymer 'Ammonium transporter Rh type C'
2 non-polymer 'octyl beta-D-glucopyranoside'
3 water water
#
_entity_poly.entity_id   1
_entity_poly.type   'polypeptide(L)'
_entity_poly.pdbx_seq_one_letter_code
;GPSSPSAWNTNLRWRLPLTCLLLQVIMVILFGVFVRYDFEADAHWWSERTHKNLSDMENEFYYRYPSFQDVHVMVFVGFG
FLMTFLQRYGFSAVGFNFLLAAFGIQWALLMQGWFHFLQDRYIVVGVENLINADFCVASVCVAFGAVLGKVSPIQLLIMT
FFQVTLFAVNEFILLNLLKVKDAGGSMTIHTFGAYFGLTVTRILYRRNLEQSKERQNSVYQSDLFAMIGTLFLWMYWPSF
NSAISYHGDSQHRAAINTYCSLAACVLTSVAISSALHKKGKLDMVHIQNATLAGGVAVGTAAEMMLMPYGALIIGFVCGI
ISTLGFVYLTPFLESRLHIQDTCGINNLHGIPGIIGGIVGAVTAASASLEVYGKEGLVHSFDFQGFNGDWTARTQGKFQI
YGLLVTLAMALMGGIIVGLILRLPFWGQPSDENCFEDAVYWEMPEGNSTVYIPEDPTFKPSGPSVPSVPMVSPLPMASSV
PLVPGGLVPR
;
_entity_poly.pdbx_strand_id   A
#
loop_
_chem_comp.id
_chem_comp.type
_chem_comp.name
_chem_comp.formula
BOG D-saccharide 'octyl beta-D-glucopyranoside' 'C14 H28 O6'
#
# COMPACT_ATOMS: atom_id res chain seq x y z
N SER A 6 0.01 29.67 -11.55
CA SER A 6 0.92 29.24 -12.66
C SER A 6 1.33 27.78 -12.48
N ALA A 7 1.42 27.07 -13.60
CA ALA A 7 1.78 25.66 -13.61
C ALA A 7 3.23 25.41 -13.12
N TRP A 8 4.08 26.42 -13.21
CA TRP A 8 5.45 26.32 -12.70
C TRP A 8 5.56 26.66 -11.21
N ASN A 9 4.45 27.11 -10.60
CA ASN A 9 4.48 27.56 -9.21
C ASN A 9 4.35 26.41 -8.23
N THR A 10 5.44 26.06 -7.56
CA THR A 10 5.41 25.04 -6.50
C THR A 10 5.34 25.66 -5.09
N ASN A 11 5.07 26.96 -5.02
CA ASN A 11 4.91 27.67 -3.74
C ASN A 11 3.54 27.37 -3.14
N LEU A 12 3.52 26.56 -2.07
CA LEU A 12 2.29 26.03 -1.49
C LEU A 12 1.80 26.80 -0.26
N ARG A 13 2.31 28.01 -0.07
CA ARG A 13 2.04 28.77 1.15
C ARG A 13 0.55 29.07 1.40
N TRP A 14 -0.25 29.21 0.34
CA TRP A 14 -1.71 29.34 0.48
C TRP A 14 -2.42 27.99 0.34
N ARG A 15 -2.03 27.22 -0.68
CA ARG A 15 -2.77 26.02 -1.09
C ARG A 15 -2.66 24.84 -0.11
N LEU A 16 -1.45 24.55 0.38
CA LEU A 16 -1.28 23.46 1.34
C LEU A 16 -1.98 23.73 2.68
N PRO A 17 -1.80 24.92 3.27
CA PRO A 17 -2.56 25.19 4.50
C PRO A 17 -4.08 25.12 4.29
N LEU A 18 -4.55 25.67 3.17
CA LEU A 18 -5.97 25.62 2.83
C LEU A 18 -6.47 24.18 2.75
N THR A 19 -5.75 23.34 2.02
CA THR A 19 -6.10 21.93 1.88
C THR A 19 -6.11 21.20 3.23
N CYS A 20 -5.07 21.41 4.04
CA CYS A 20 -4.95 20.72 5.34
C CYS A 20 -6.04 21.16 6.32
N LEU A 21 -6.27 22.47 6.39
CA LEU A 21 -7.23 23.02 7.34
C LEU A 21 -8.68 22.71 6.92
N LEU A 22 -8.99 22.81 5.64
CA LEU A 22 -10.32 22.44 5.15
C LEU A 22 -10.62 20.97 5.45
N LEU A 23 -9.69 20.08 5.10
CA LEU A 23 -9.90 18.66 5.30
C LEU A 23 -10.10 18.37 6.78
N GLN A 24 -9.28 18.96 7.65
CA GLN A 24 -9.34 18.70 9.07
C GLN A 24 -10.60 19.28 9.75
N VAL A 25 -11.05 20.44 9.29
CA VAL A 25 -12.30 21.00 9.80
C VAL A 25 -13.48 20.10 9.43
N ILE A 26 -13.46 19.59 8.21
CA ILE A 26 -14.48 18.65 7.75
C ILE A 26 -14.45 17.36 8.61
N MET A 27 -13.28 16.83 8.89
CA MET A 27 -13.15 15.68 9.79
C MET A 27 -13.77 16.01 11.16
N VAL A 28 -13.48 17.20 11.71
CA VAL A 28 -14.02 17.57 13.02
C VAL A 28 -15.56 17.58 12.98
N ILE A 29 -16.13 18.24 11.98
CA ILE A 29 -17.58 18.33 11.85
C ILE A 29 -18.22 16.94 11.73
N LEU A 30 -17.65 16.10 10.86
CA LEU A 30 -18.20 14.77 10.62
C LEU A 30 -18.02 13.84 11.81
N PHE A 31 -16.93 13.97 12.56
CA PHE A 31 -16.79 13.21 13.80
C PHE A 31 -17.85 13.65 14.82
N GLY A 32 -18.06 14.95 14.94
CA GLY A 32 -19.09 15.49 15.85
C GLY A 32 -20.48 14.94 15.57
N VAL A 33 -20.85 14.85 14.30
CA VAL A 33 -22.17 14.37 13.91
C VAL A 33 -22.33 12.86 14.11
N PHE A 34 -21.31 12.10 13.71
CA PHE A 34 -21.45 10.65 13.50
C PHE A 34 -20.72 9.76 14.48
N VAL A 35 -19.57 10.18 15.00
CA VAL A 35 -18.68 9.23 15.67
C VAL A 35 -18.85 9.23 17.18
N ARG A 36 -18.99 8.03 17.75
CA ARG A 36 -19.28 7.86 19.17
C ARG A 36 -18.52 6.67 19.75
N TYR A 37 -18.50 6.61 21.09
CA TYR A 37 -17.95 5.47 21.82
C TYR A 37 -19.04 4.70 22.56
N ASP A 38 -18.81 3.40 22.80
CA ASP A 38 -19.67 2.60 23.66
C ASP A 38 -19.52 3.00 25.14
N PHE A 39 -20.61 2.91 25.89
CA PHE A 39 -20.61 3.18 27.34
C PHE A 39 -21.53 2.20 28.05
N GLU A 58 -12.34 -10.93 27.91
CA GLU A 58 -12.21 -9.55 28.33
C GLU A 58 -12.36 -8.58 27.15
N ASN A 59 -11.99 -7.32 27.35
CA ASN A 59 -12.16 -6.28 26.35
C ASN A 59 -11.57 -6.66 24.99
N GLU A 60 -12.14 -6.09 23.93
CA GLU A 60 -11.58 -6.23 22.61
C GLU A 60 -10.30 -5.42 22.53
N PHE A 61 -10.20 -4.37 23.34
CA PHE A 61 -8.97 -3.59 23.47
C PHE A 61 -7.79 -4.52 23.73
N TYR A 62 -7.86 -5.27 24.82
CA TYR A 62 -6.73 -6.11 25.23
C TYR A 62 -6.30 -7.14 24.19
N TYR A 63 -7.27 -7.79 23.56
CA TYR A 63 -6.95 -8.84 22.61
C TYR A 63 -6.63 -8.32 21.21
N ARG A 64 -7.05 -7.10 20.88
CA ARG A 64 -6.86 -6.58 19.53
C ARG A 64 -5.89 -5.42 19.41
N TYR A 65 -5.75 -4.62 20.47
CA TYR A 65 -4.86 -3.46 20.44
C TYR A 65 -3.43 -3.83 19.99
N PRO A 66 -2.85 -4.95 20.49
CA PRO A 66 -1.50 -5.32 20.04
C PRO A 66 -1.37 -5.50 18.53
N SER A 67 -2.38 -6.10 17.90
CA SER A 67 -2.40 -6.25 16.45
C SER A 67 -2.52 -4.88 15.79
N PHE A 68 -3.38 -4.02 16.34
CA PHE A 68 -3.49 -2.66 15.84
C PHE A 68 -2.13 -1.96 15.80
N GLN A 69 -1.39 -2.04 16.90
CA GLN A 69 -0.10 -1.36 17.00
C GLN A 69 0.90 -1.84 15.94
N ASP A 70 0.93 -3.14 15.68
CA ASP A 70 1.84 -3.70 14.69
C ASP A 70 1.49 -3.16 13.31
N VAL A 71 0.20 -3.10 12.98
CA VAL A 71 -0.23 -2.55 11.69
C VAL A 71 0.09 -1.06 11.64
N HIS A 72 -0.13 -0.36 12.75
CA HIS A 72 0.17 1.07 12.87
C HIS A 72 1.67 1.36 12.57
N VAL A 73 2.55 0.53 13.11
CA VAL A 73 3.98 0.64 12.86
C VAL A 73 4.31 0.38 11.38
N MET A 74 3.68 -0.64 10.78
CA MET A 74 3.90 -0.92 9.37
C MET A 74 3.52 0.27 8.47
N VAL A 75 2.44 0.97 8.81
CA VAL A 75 2.00 2.12 8.01
C VAL A 75 2.96 3.31 8.13
N PHE A 76 3.27 3.70 9.35
CA PHE A 76 3.99 4.96 9.60
C PHE A 76 5.51 4.82 9.54
N VAL A 77 6.03 3.72 10.08
CA VAL A 77 7.46 3.45 10.01
C VAL A 77 7.84 2.51 8.86
N GLY A 78 7.03 1.48 8.59
CA GLY A 78 7.35 0.50 7.56
C GLY A 78 7.36 1.11 6.16
N PHE A 79 6.20 1.55 5.70
CA PHE A 79 6.09 2.21 4.40
C PHE A 79 6.85 3.55 4.41
N GLY A 80 6.72 4.30 5.51
CA GLY A 80 7.40 5.56 5.66
C GLY A 80 8.91 5.51 5.36
N PHE A 81 9.63 4.61 6.03
CA PHE A 81 11.08 4.51 5.82
C PHE A 81 11.46 3.72 4.59
N LEU A 82 10.61 2.77 4.17
CA LEU A 82 10.88 2.01 2.95
C LEU A 82 11.15 2.97 1.78
N MET A 83 10.36 4.03 1.71
CA MET A 83 10.42 4.96 0.59
C MET A 83 11.53 6.01 0.71
N THR A 84 12.26 6.01 1.82
CA THR A 84 13.41 6.92 1.99
C THR A 84 14.67 6.48 1.24
N PHE A 85 14.61 5.43 0.43
CA PHE A 85 15.79 5.00 -0.36
C PHE A 85 16.25 6.11 -1.33
N LEU A 86 15.32 6.94 -1.79
CA LEU A 86 15.64 8.04 -2.68
C LEU A 86 16.59 9.03 -1.97
N GLN A 87 17.72 9.27 -2.61
CA GLN A 87 18.82 10.01 -1.98
C GLN A 87 18.49 11.44 -1.54
N ARG A 88 17.62 12.14 -2.27
CA ARG A 88 17.23 13.51 -1.94
C ARG A 88 15.71 13.66 -1.74
N TYR A 89 15.03 12.55 -1.49
CA TYR A 89 13.59 12.57 -1.23
C TYR A 89 13.20 11.93 0.11
N GLY A 90 14.14 11.86 1.03
CA GLY A 90 13.88 11.21 2.33
C GLY A 90 12.85 11.97 3.17
N PHE A 91 12.90 13.29 3.19
CA PHE A 91 11.95 14.08 3.98
C PHE A 91 10.52 13.89 3.49
N SER A 92 10.33 14.00 2.18
CA SER A 92 9.02 13.89 1.55
C SER A 92 8.48 12.45 1.64
N ALA A 93 9.35 11.46 1.46
CA ALA A 93 8.95 10.05 1.62
C ALA A 93 8.34 9.79 3.01
N VAL A 94 9.12 9.97 4.06
CA VAL A 94 8.64 9.71 5.43
C VAL A 94 7.62 10.77 5.87
N GLY A 95 7.82 12.00 5.46
CA GLY A 95 6.98 13.12 5.90
C GLY A 95 5.65 13.22 5.20
N PHE A 96 5.61 12.97 3.89
CA PHE A 96 4.33 12.95 3.18
C PHE A 96 3.52 11.69 3.49
N ASN A 97 4.20 10.57 3.72
CA ASN A 97 3.53 9.36 4.19
C ASN A 97 2.83 9.64 5.53
N PHE A 98 3.57 10.32 6.42
CA PHE A 98 3.07 10.72 7.73
C PHE A 98 1.80 11.57 7.56
N LEU A 99 1.87 12.54 6.65
CA LEU A 99 0.78 13.46 6.44
C LEU A 99 -0.43 12.76 5.80
N LEU A 100 -0.20 12.02 4.73
CA LEU A 100 -1.33 11.37 4.04
C LEU A 100 -2.00 10.36 4.98
N ALA A 101 -1.21 9.64 5.77
CA ALA A 101 -1.79 8.62 6.67
C ALA A 101 -2.54 9.25 7.86
N ALA A 102 -2.03 10.37 8.37
CA ALA A 102 -2.71 11.08 9.48
C ALA A 102 -4.09 11.58 9.05
N PHE A 103 -4.20 12.05 7.81
CA PHE A 103 -5.50 12.42 7.27
C PHE A 103 -6.34 11.18 6.99
N GLY A 104 -5.74 10.22 6.30
CA GLY A 104 -6.41 9.02 5.83
C GLY A 104 -7.03 8.17 6.91
N ILE A 105 -6.36 8.01 8.06
CA ILE A 105 -6.95 7.21 9.13
C ILE A 105 -8.27 7.81 9.63
N GLN A 106 -8.35 9.13 9.70
CA GLN A 106 -9.58 9.82 10.13
C GLN A 106 -10.71 9.62 9.12
N TRP A 107 -10.41 9.84 7.85
CA TRP A 107 -11.39 9.74 6.77
C TRP A 107 -11.82 8.29 6.57
N ALA A 108 -10.88 7.35 6.76
CA ALA A 108 -11.22 5.92 6.68
C ALA A 108 -12.18 5.50 7.80
N LEU A 109 -11.98 5.98 9.02
CA LEU A 109 -12.91 5.68 10.12
C LEU A 109 -14.33 6.06 9.71
N LEU A 110 -14.47 7.19 9.04
CA LEU A 110 -15.77 7.64 8.56
C LEU A 110 -16.31 6.80 7.39
N MET A 111 -15.50 6.65 6.35
CA MET A 111 -15.94 5.94 5.13
C MET A 111 -16.26 4.46 5.39
N GLN A 112 -15.34 3.77 6.05
CA GLN A 112 -15.58 2.39 6.46
C GLN A 112 -16.71 2.33 7.49
N GLY A 113 -16.81 3.39 8.31
CA GLY A 113 -17.81 3.47 9.35
C GLY A 113 -19.22 3.53 8.79
N TRP A 114 -19.44 4.37 7.78
CA TRP A 114 -20.74 4.57 7.16
C TRP A 114 -21.37 3.29 6.62
N PHE A 115 -20.54 2.32 6.28
CA PHE A 115 -21.03 0.99 5.92
C PHE A 115 -21.38 0.13 7.15
N HIS A 116 -21.40 0.73 8.35
CA HIS A 116 -21.74 0.06 9.60
C HIS A 116 -22.43 1.02 10.59
N PHE A 117 -23.34 1.84 10.08
CA PHE A 117 -24.10 2.75 10.93
C PHE A 117 -24.82 1.96 12.02
N LEU A 118 -24.80 2.49 13.24
CA LEU A 118 -25.73 2.07 14.30
C LEU A 118 -26.76 3.17 14.44
N GLN A 119 -28.04 2.78 14.52
CA GLN A 119 -29.15 3.73 14.62
C GLN A 119 -29.29 4.58 13.35
N ASP A 120 -28.87 4.03 12.21
CA ASP A 120 -28.92 4.71 10.90
C ASP A 120 -28.10 6.02 10.85
N ARG A 121 -27.25 6.25 11.85
CA ARG A 121 -26.54 7.53 11.94
C ARG A 121 -25.36 7.61 12.90
N TYR A 122 -24.93 6.52 13.54
CA TYR A 122 -23.77 6.58 14.42
C TYR A 122 -22.71 5.54 14.04
N ILE A 123 -21.46 5.99 14.07
CA ILE A 123 -20.32 5.12 13.87
C ILE A 123 -19.73 4.93 15.26
N VAL A 124 -19.89 3.73 15.82
CA VAL A 124 -19.36 3.45 17.15
C VAL A 124 -17.96 2.90 16.97
N VAL A 125 -16.96 3.64 17.42
CA VAL A 125 -15.58 3.26 17.14
C VAL A 125 -14.96 2.51 18.31
N GLY A 126 -14.34 1.38 17.99
CA GLY A 126 -13.46 0.69 18.92
C GLY A 126 -12.14 0.41 18.22
N VAL A 127 -11.31 -0.42 18.85
CA VAL A 127 -10.00 -0.77 18.30
C VAL A 127 -10.11 -1.43 16.93
N GLU A 128 -11.16 -2.22 16.72
CA GLU A 128 -11.40 -2.86 15.42
C GLU A 128 -11.52 -1.82 14.31
N ASN A 129 -12.16 -0.69 14.59
CA ASN A 129 -12.24 0.39 13.61
C ASN A 129 -10.86 0.97 13.29
N LEU A 130 -10.00 1.09 14.30
CA LEU A 130 -8.66 1.65 14.08
C LEU A 130 -7.84 0.71 13.20
N ILE A 131 -7.93 -0.59 13.46
CA ILE A 131 -7.22 -1.60 12.67
C ILE A 131 -7.60 -1.49 11.18
N ASN A 132 -8.90 -1.44 10.89
CA ASN A 132 -9.38 -1.34 9.52
C ASN A 132 -9.02 0.00 8.86
N ALA A 133 -9.03 1.07 9.63
CA ALA A 133 -8.63 2.39 9.11
C ALA A 133 -7.16 2.36 8.67
N ASP A 134 -6.28 1.74 9.46
CA ASP A 134 -4.87 1.60 9.08
C ASP A 134 -4.67 0.69 7.85
N PHE A 135 -5.45 -0.40 7.74
CA PHE A 135 -5.41 -1.26 6.54
C PHE A 135 -5.81 -0.46 5.28
N CYS A 136 -6.88 0.31 5.39
CA CYS A 136 -7.34 1.17 4.31
C CYS A 136 -6.22 2.11 3.87
N VAL A 137 -5.61 2.79 4.83
CA VAL A 137 -4.50 3.70 4.54
C VAL A 137 -3.28 2.98 3.93
N ALA A 138 -3.06 1.73 4.33
CA ALA A 138 -1.96 0.94 3.75
C ALA A 138 -2.08 0.88 2.22
N SER A 139 -3.31 0.82 1.70
CA SER A 139 -3.53 0.79 0.26
C SER A 139 -3.07 2.10 -0.40
N VAL A 140 -3.23 3.21 0.31
CA VAL A 140 -2.77 4.50 -0.18
C VAL A 140 -1.22 4.60 -0.11
N CYS A 141 -0.63 4.04 0.96
CA CYS A 141 0.83 3.92 1.04
C CYS A 141 1.40 3.12 -0.15
N VAL A 142 0.71 2.05 -0.53
CA VAL A 142 1.05 1.29 -1.74
C VAL A 142 1.03 2.19 -2.98
N ALA A 143 -0.09 2.85 -3.23
CA ALA A 143 -0.25 3.72 -4.40
C ALA A 143 0.80 4.85 -4.42
N PHE A 144 1.06 5.43 -3.27
CA PHE A 144 2.10 6.44 -3.12
C PHE A 144 3.43 5.96 -3.72
N GLY A 145 3.74 4.67 -3.53
CA GLY A 145 4.96 4.08 -4.10
C GLY A 145 5.13 4.26 -5.61
N ALA A 146 4.04 4.30 -6.37
CA ALA A 146 4.14 4.50 -7.83
C ALA A 146 4.46 5.94 -8.22
N VAL A 147 3.87 6.88 -7.50
CA VAL A 147 3.93 8.31 -7.85
C VAL A 147 4.98 9.08 -7.02
N LEU A 148 5.60 8.39 -6.07
CA LEU A 148 6.63 8.95 -5.17
C LEU A 148 7.65 9.78 -5.94
N GLY A 149 7.82 11.03 -5.51
CA GLY A 149 8.85 11.92 -6.05
C GLY A 149 8.37 12.89 -7.11
N LYS A 150 7.16 12.67 -7.61
CA LYS A 150 6.63 13.38 -8.76
C LYS A 150 5.30 14.09 -8.47
N VAL A 151 4.81 14.01 -7.23
CA VAL A 151 3.54 14.63 -6.85
C VAL A 151 3.68 15.47 -5.59
N SER A 152 2.89 16.54 -5.51
CA SER A 152 2.93 17.44 -4.38
C SER A 152 2.14 16.85 -3.19
N PRO A 153 2.37 17.38 -1.98
CA PRO A 153 1.58 16.89 -0.83
C PRO A 153 0.08 17.17 -0.96
N ILE A 154 -0.28 18.20 -1.75
CA ILE A 154 -1.67 18.50 -2.04
C ILE A 154 -2.27 17.39 -2.91
N GLN A 155 -1.53 16.94 -3.93
CA GLN A 155 -2.00 15.84 -4.77
C GLN A 155 -2.20 14.56 -3.93
N LEU A 156 -1.28 14.32 -3.02
CA LEU A 156 -1.36 13.14 -2.15
C LEU A 156 -2.59 13.18 -1.25
N LEU A 157 -2.90 14.35 -0.68
CA LEU A 157 -4.11 14.46 0.15
C LEU A 157 -5.38 14.27 -0.70
N ILE A 158 -5.41 14.84 -1.89
CA ILE A 158 -6.55 14.63 -2.78
C ILE A 158 -6.67 13.15 -3.18
N MET A 159 -5.53 12.53 -3.52
CA MET A 159 -5.52 11.11 -3.82
C MET A 159 -6.05 10.30 -2.64
N THR A 160 -5.56 10.61 -1.44
CA THR A 160 -6.00 9.91 -0.24
C THR A 160 -7.53 10.04 -0.05
N PHE A 161 -8.06 11.25 -0.19
CA PHE A 161 -9.49 11.50 -0.06
C PHE A 161 -10.31 10.55 -0.94
N PHE A 162 -9.97 10.50 -2.23
CA PHE A 162 -10.72 9.67 -3.18
C PHE A 162 -10.39 8.19 -3.04
N GLN A 163 -9.14 7.85 -2.76
CA GLN A 163 -8.74 6.45 -2.71
C GLN A 163 -9.31 5.73 -1.49
N VAL A 164 -9.36 6.42 -0.34
CA VAL A 164 -10.04 5.89 0.84
C VAL A 164 -11.51 5.57 0.55
N THR A 165 -12.19 6.47 -0.13
CA THR A 165 -13.60 6.26 -0.52
C THR A 165 -13.74 5.02 -1.41
N LEU A 166 -12.88 4.94 -2.44
CA LEU A 166 -12.91 3.82 -3.37
C LEU A 166 -12.57 2.50 -2.69
N PHE A 167 -11.54 2.52 -1.83
CA PHE A 167 -11.21 1.35 -0.99
C PHE A 167 -12.41 0.87 -0.20
N ALA A 168 -13.12 1.80 0.45
CA ALA A 168 -14.26 1.46 1.30
C ALA A 168 -15.40 0.82 0.52
N VAL A 169 -15.67 1.35 -0.67
CA VAL A 169 -16.71 0.81 -1.55
C VAL A 169 -16.31 -0.56 -2.10
N ASN A 170 -15.06 -0.70 -2.53
CA ASN A 170 -14.55 -1.99 -3.02
C ASN A 170 -14.58 -3.07 -1.92
N GLU A 171 -14.10 -2.72 -0.74
CA GLU A 171 -14.17 -3.57 0.44
C GLU A 171 -15.61 -3.99 0.77
N PHE A 172 -16.55 -3.05 0.67
CA PHE A 172 -17.95 -3.36 0.93
C PHE A 172 -18.49 -4.33 -0.11
N ILE A 173 -18.19 -4.10 -1.38
CA ILE A 173 -18.66 -5.01 -2.43
C ILE A 173 -18.12 -6.43 -2.19
N LEU A 174 -16.83 -6.54 -1.89
CA LEU A 174 -16.18 -7.84 -1.73
C LEU A 174 -16.65 -8.59 -0.48
N LEU A 175 -16.52 -7.94 0.67
CA LEU A 175 -16.76 -8.59 1.96
C LEU A 175 -18.23 -8.78 2.26
N ASN A 176 -19.04 -7.79 1.92
CA ASN A 176 -20.47 -7.83 2.25
C ASN A 176 -21.32 -8.41 1.14
N LEU A 177 -21.19 -7.89 -0.07
CA LEU A 177 -22.06 -8.33 -1.17
C LEU A 177 -21.62 -9.66 -1.78
N LEU A 178 -20.32 -9.86 -1.97
CA LEU A 178 -19.80 -11.09 -2.57
C LEU A 178 -19.38 -12.16 -1.55
N LYS A 179 -19.34 -11.80 -0.27
CA LYS A 179 -18.95 -12.71 0.82
C LYS A 179 -17.58 -13.33 0.58
N VAL A 180 -16.68 -12.52 0.05
CA VAL A 180 -15.31 -12.94 -0.20
C VAL A 180 -14.49 -12.85 1.09
N LYS A 181 -13.52 -13.76 1.24
CA LYS A 181 -12.56 -13.67 2.34
C LYS A 181 -11.24 -13.08 1.84
N ASP A 182 -10.69 -12.10 2.56
CA ASP A 182 -9.38 -11.53 2.24
C ASP A 182 -8.77 -10.88 3.48
N ALA A 183 -8.41 -11.72 4.46
CA ALA A 183 -7.98 -11.26 5.77
C ALA A 183 -6.78 -10.33 5.71
N GLY A 184 -5.79 -10.69 4.88
CA GLY A 184 -4.55 -9.93 4.72
C GLY A 184 -4.55 -8.96 3.54
N GLY A 185 -5.68 -8.83 2.86
CA GLY A 185 -5.83 -7.81 1.84
C GLY A 185 -5.03 -7.94 0.54
N SER A 186 -4.75 -9.15 0.09
CA SER A 186 -4.03 -9.31 -1.20
C SER A 186 -4.79 -8.60 -2.34
N MET A 187 -6.12 -8.64 -2.25
CA MET A 187 -7.01 -7.97 -3.19
C MET A 187 -7.34 -6.55 -2.74
N THR A 188 -7.87 -6.42 -1.53
CA THR A 188 -8.45 -5.14 -1.10
C THR A 188 -7.38 -4.08 -0.85
N ILE A 189 -6.18 -4.50 -0.43
CA ILE A 189 -5.11 -3.56 -0.13
C ILE A 189 -4.07 -3.49 -1.24
N HIS A 190 -3.44 -4.62 -1.52
CA HIS A 190 -2.28 -4.66 -2.42
C HIS A 190 -2.65 -4.58 -3.90
N THR A 191 -3.48 -5.49 -4.38
CA THR A 191 -3.95 -5.43 -5.77
C THR A 191 -4.65 -4.10 -6.02
N PHE A 192 -5.54 -3.72 -5.11
CA PHE A 192 -6.30 -2.50 -5.28
C PHE A 192 -5.37 -1.30 -5.29
N GLY A 193 -4.56 -1.18 -4.26
CA GLY A 193 -3.62 -0.04 -4.14
C GLY A 193 -2.64 0.06 -5.31
N ALA A 194 -2.15 -1.09 -5.77
CA ALA A 194 -1.10 -1.11 -6.78
C ALA A 194 -1.64 -0.63 -8.12
N TYR A 195 -2.78 -1.19 -8.53
CA TYR A 195 -3.30 -0.88 -9.85
C TYR A 195 -4.00 0.46 -9.90
N PHE A 196 -4.52 0.91 -8.77
CA PHE A 196 -4.96 2.30 -8.62
C PHE A 196 -3.75 3.24 -8.78
N GLY A 197 -2.72 3.04 -7.97
CA GLY A 197 -1.48 3.82 -8.06
C GLY A 197 -0.85 3.85 -9.45
N LEU A 198 -0.82 2.69 -10.10
CA LEU A 198 -0.23 2.57 -11.44
C LEU A 198 -1.07 3.20 -12.53
N THR A 199 -2.39 3.11 -12.40
CA THR A 199 -3.28 3.84 -13.28
C THR A 199 -3.07 5.35 -13.10
N VAL A 200 -3.02 5.81 -11.86
CA VAL A 200 -2.76 7.23 -11.60
C VAL A 200 -1.43 7.69 -12.21
N THR A 201 -0.38 6.90 -12.00
CA THR A 201 0.95 7.27 -12.48
C THR A 201 1.00 7.28 -14.02
N ARG A 202 0.28 6.37 -14.67
CA ARG A 202 0.18 6.36 -16.12
C ARG A 202 -0.47 7.64 -16.66
N ILE A 203 -1.58 8.05 -16.05
CA ILE A 203 -2.24 9.31 -16.42
C ILE A 203 -1.30 10.50 -16.17
N LEU A 204 -0.51 10.42 -15.09
CA LEU A 204 0.48 11.44 -14.77
C LEU A 204 1.84 11.24 -15.48
N TYR A 205 1.89 10.43 -16.53
CA TYR A 205 3.14 10.21 -17.28
C TYR A 205 3.92 11.50 -17.59
N ARG A 206 5.23 11.48 -17.33
CA ARG A 206 6.10 12.62 -17.57
C ARG A 206 7.12 12.29 -18.66
N ARG A 207 6.96 12.95 -19.79
CA ARG A 207 7.75 12.66 -20.99
C ARG A 207 9.24 12.88 -20.78
N ASN A 208 9.59 13.86 -19.95
CA ASN A 208 10.98 14.26 -19.75
C ASN A 208 11.50 13.94 -18.37
N LEU A 209 10.99 12.86 -17.78
CA LEU A 209 11.38 12.46 -16.43
C LEU A 209 12.87 12.15 -16.33
N GLU A 210 13.49 11.73 -17.44
CA GLU A 210 14.94 11.49 -17.46
C GLU A 210 15.75 12.70 -17.00
N GLN A 211 15.18 13.91 -17.12
CA GLN A 211 15.84 15.13 -16.63
C GLN A 211 16.08 15.11 -15.10
N SER A 212 15.33 14.28 -14.37
CA SER A 212 15.49 14.11 -12.91
C SER A 212 16.17 12.80 -12.53
N LYS A 213 16.62 12.04 -13.53
CA LYS A 213 17.02 10.66 -13.26
C LYS A 213 18.30 10.55 -12.41
N GLU A 214 19.07 11.64 -12.30
CA GLU A 214 20.24 11.67 -11.41
C GLU A 214 19.89 11.62 -9.91
N ARG A 215 18.64 11.91 -9.57
CA ARG A 215 18.16 11.79 -8.20
C ARG A 215 17.30 10.54 -7.98
N GLN A 216 16.96 9.83 -9.06
CA GLN A 216 16.08 8.66 -8.96
C GLN A 216 16.88 7.41 -8.62
N ASN A 217 17.49 7.43 -7.44
CA ASN A 217 18.42 6.41 -7.01
C ASN A 217 18.74 6.63 -5.53
N SER A 218 19.54 5.74 -4.96
CA SER A 218 19.91 5.78 -3.55
C SER A 218 21.36 6.24 -3.38
N VAL A 219 21.71 6.58 -2.15
CA VAL A 219 23.11 6.62 -1.73
C VAL A 219 23.20 5.62 -0.58
N TYR A 220 24.42 5.32 -0.15
CA TYR A 220 24.68 4.29 0.84
C TYR A 220 23.76 4.39 2.06
N GLN A 221 23.72 5.59 2.63
CA GLN A 221 23.01 5.84 3.88
C GLN A 221 21.48 5.80 3.70
N SER A 222 20.99 6.19 2.52
CA SER A 222 19.55 6.15 2.28
C SER A 222 19.06 4.71 2.14
N ASP A 223 19.92 3.81 1.70
CA ASP A 223 19.56 2.38 1.61
C ASP A 223 19.51 1.72 2.99
N LEU A 224 20.33 2.22 3.92
CA LEU A 224 20.26 1.75 5.31
C LEU A 224 18.99 2.25 6.03
N PHE A 225 18.62 3.51 5.81
CA PHE A 225 17.34 4.02 6.36
C PHE A 225 16.16 3.21 5.81
N ALA A 226 16.22 2.89 4.51
CA ALA A 226 15.16 2.13 3.86
C ALA A 226 15.01 0.72 4.45
N MET A 227 16.10 0.11 4.86
CA MET A 227 16.06 -1.21 5.54
C MET A 227 15.33 -1.18 6.90
N ILE A 228 15.26 -0.01 7.51
CA ILE A 228 14.42 0.15 8.70
C ILE A 228 12.99 -0.17 8.31
N GLY A 229 12.58 0.40 7.17
CA GLY A 229 11.23 0.21 6.67
C GLY A 229 11.01 -1.25 6.30
N THR A 230 11.93 -1.82 5.54
CA THR A 230 11.85 -3.20 5.12
C THR A 230 11.67 -4.15 6.30
N LEU A 231 12.53 -4.00 7.30
CA LEU A 231 12.53 -4.95 8.40
C LEU A 231 11.26 -4.83 9.28
N PHE A 232 10.76 -3.62 9.50
CA PHE A 232 9.54 -3.52 10.32
C PHE A 232 8.30 -4.07 9.60
N LEU A 233 8.25 -3.92 8.26
CA LEU A 233 7.22 -4.56 7.46
C LEU A 233 7.32 -6.08 7.54
N TRP A 234 8.53 -6.60 7.37
CA TRP A 234 8.77 -8.02 7.28
C TRP A 234 8.47 -8.69 8.63
N MET A 235 8.98 -8.11 9.70
CA MET A 235 8.77 -8.66 11.06
C MET A 235 7.33 -8.62 11.55
N TYR A 236 6.60 -7.56 11.21
CA TYR A 236 5.24 -7.37 11.69
C TYR A 236 4.16 -7.86 10.72
N TRP A 237 4.56 -8.32 9.53
CA TRP A 237 3.59 -8.77 8.53
C TRP A 237 2.72 -9.93 9.04
N PRO A 238 3.29 -10.85 9.84
CA PRO A 238 2.43 -11.91 10.38
C PRO A 238 1.23 -11.39 11.18
N SER A 239 1.37 -10.24 11.86
CA SER A 239 0.21 -9.59 12.51
C SER A 239 -0.74 -8.98 11.49
N PHE A 240 -0.17 -8.32 10.48
CA PHE A 240 -0.93 -7.72 9.37
C PHE A 240 -1.91 -8.72 8.77
N ASN A 241 -1.41 -9.93 8.51
CA ASN A 241 -2.21 -10.96 7.85
C ASN A 241 -3.15 -11.74 8.76
N SER A 242 -3.01 -11.56 10.07
CA SER A 242 -3.81 -12.29 11.05
C SER A 242 -4.73 -11.40 11.90
N ALA A 243 -4.51 -10.08 11.86
CA ALA A 243 -5.25 -9.13 12.69
C ALA A 243 -6.77 -9.29 12.64
N ILE A 244 -7.33 -9.44 11.44
CA ILE A 244 -8.79 -9.53 11.31
C ILE A 244 -9.34 -10.94 11.04
N SER A 245 -8.47 -11.95 11.09
CA SER A 245 -8.96 -13.34 11.12
C SER A 245 -9.78 -13.49 12.39
N TYR A 246 -10.90 -14.19 12.29
CA TYR A 246 -11.93 -14.17 13.33
C TYR A 246 -11.63 -15.19 14.43
N HIS A 247 -11.65 -16.48 14.07
CA HIS A 247 -11.31 -17.53 15.03
C HIS A 247 -9.85 -17.41 15.44
N GLY A 248 -9.55 -17.73 16.69
CA GLY A 248 -8.16 -17.76 17.19
C GLY A 248 -7.33 -18.78 16.43
N ASP A 249 -7.98 -19.89 16.07
CA ASP A 249 -7.37 -20.99 15.31
C ASP A 249 -6.81 -20.50 13.97
N SER A 250 -7.61 -19.81 13.19
CA SER A 250 -7.16 -19.29 11.89
C SER A 250 -6.15 -18.13 12.03
N GLN A 251 -6.27 -17.36 13.11
CA GLN A 251 -5.34 -16.26 13.40
C GLN A 251 -3.90 -16.76 13.59
N HIS A 252 -3.78 -17.78 14.44
CA HIS A 252 -2.53 -18.52 14.69
C HIS A 252 -1.94 -19.04 13.37
N ARG A 253 -2.80 -19.60 12.52
CA ARG A 253 -2.41 -20.15 11.24
C ARG A 253 -2.01 -19.04 10.26
N ALA A 254 -2.78 -17.96 10.24
CA ALA A 254 -2.46 -16.81 9.38
C ALA A 254 -1.05 -16.29 9.67
N ALA A 255 -0.74 -16.15 10.95
CA ALA A 255 0.57 -15.62 11.39
C ALA A 255 1.71 -16.53 10.97
N ILE A 256 1.59 -17.83 11.23
CA ILE A 256 2.69 -18.74 10.97
C ILE A 256 2.90 -18.94 9.46
N ASN A 257 1.81 -19.03 8.71
CA ASN A 257 1.91 -19.15 7.24
C ASN A 257 2.60 -17.93 6.64
N THR A 258 2.34 -16.76 7.20
CA THR A 258 2.94 -15.52 6.73
C THR A 258 4.43 -15.53 7.04
N TYR A 259 4.78 -15.90 8.27
CA TYR A 259 6.16 -16.06 8.73
C TYR A 259 6.95 -16.99 7.82
N CYS A 260 6.34 -18.12 7.46
CA CYS A 260 6.99 -19.06 6.54
C CYS A 260 7.18 -18.50 5.13
N SER A 261 6.11 -17.96 4.55
CA SER A 261 6.16 -17.42 3.21
C SER A 261 7.23 -16.32 3.09
N LEU A 262 7.30 -15.45 4.09
CA LEU A 262 8.30 -14.39 4.11
C LEU A 262 9.73 -14.94 4.19
N ALA A 263 9.93 -15.98 4.99
CA ALA A 263 11.24 -16.58 5.13
C ALA A 263 11.73 -17.12 3.79
N ALA A 264 10.85 -17.84 3.08
CA ALA A 264 11.21 -18.45 1.82
C ALA A 264 11.46 -17.39 0.76
N CYS A 265 10.66 -16.33 0.80
CA CYS A 265 10.81 -15.18 -0.08
C CYS A 265 12.18 -14.50 -0.03
N VAL A 266 12.76 -14.41 1.16
CA VAL A 266 14.11 -13.83 1.31
C VAL A 266 15.16 -14.66 0.55
N LEU A 267 15.10 -15.99 0.69
CA LEU A 267 16.12 -16.82 0.07
C LEU A 267 16.06 -16.81 -1.45
N THR A 268 14.85 -16.80 -2.01
CA THR A 268 14.71 -16.79 -3.46
C THR A 268 14.90 -15.41 -4.05
N SER A 269 14.49 -14.36 -3.34
CA SER A 269 14.80 -12.98 -3.76
C SER A 269 16.32 -12.78 -3.85
N VAL A 270 17.03 -13.20 -2.81
CA VAL A 270 18.50 -13.12 -2.80
C VAL A 270 19.11 -13.95 -3.92
N ALA A 271 18.60 -15.17 -4.11
CA ALA A 271 19.10 -16.05 -5.16
C ALA A 271 18.96 -15.40 -6.54
N ILE A 272 17.78 -14.87 -6.83
CA ILE A 272 17.53 -14.26 -8.13
C ILE A 272 18.24 -12.90 -8.31
N SER A 273 18.34 -12.09 -7.26
CA SER A 273 19.10 -10.82 -7.34
C SER A 273 20.53 -11.14 -7.82
N SER A 274 21.15 -12.12 -7.17
CA SER A 274 22.53 -12.53 -7.51
C SER A 274 22.62 -13.11 -8.93
N ALA A 275 21.70 -14.01 -9.25
CA ALA A 275 21.70 -14.71 -10.54
C ALA A 275 21.61 -13.75 -11.71
N LEU A 276 20.85 -12.68 -11.54
CA LEU A 276 20.62 -11.72 -12.61
C LEU A 276 21.71 -10.64 -12.72
N HIS A 277 22.65 -10.64 -11.78
CA HIS A 277 23.76 -9.69 -11.82
C HIS A 277 24.97 -10.36 -12.48
N LYS A 278 25.64 -9.63 -13.36
CA LYS A 278 26.80 -10.17 -14.10
C LYS A 278 27.94 -10.64 -13.20
N LYS A 279 28.10 -9.97 -12.06
CA LYS A 279 29.13 -10.31 -11.09
C LYS A 279 28.57 -11.04 -9.86
N GLY A 280 27.30 -11.42 -9.93
CA GLY A 280 26.64 -12.14 -8.85
C GLY A 280 26.30 -11.28 -7.64
N LYS A 281 26.42 -9.97 -7.78
CA LYS A 281 26.25 -9.06 -6.65
C LYS A 281 24.77 -8.79 -6.40
N LEU A 282 24.45 -8.58 -5.13
CA LEU A 282 23.09 -8.29 -4.70
C LEU A 282 22.75 -6.82 -4.89
N ASP A 283 21.45 -6.55 -5.05
CA ASP A 283 20.98 -5.20 -5.20
C ASP A 283 19.99 -4.88 -4.08
N MET A 284 20.23 -3.76 -3.42
CA MET A 284 19.41 -3.37 -2.27
C MET A 284 17.95 -3.10 -2.61
N VAL A 285 17.64 -2.75 -3.86
CA VAL A 285 16.24 -2.60 -4.26
C VAL A 285 15.51 -3.93 -4.06
N HIS A 286 16.18 -5.03 -4.44
CA HIS A 286 15.59 -6.36 -4.32
C HIS A 286 15.46 -6.79 -2.86
N ILE A 287 16.51 -6.56 -2.05
CA ILE A 287 16.49 -6.96 -0.64
C ILE A 287 15.51 -6.12 0.19
N GLN A 288 15.27 -4.87 -0.21
CA GLN A 288 14.32 -3.99 0.47
C GLN A 288 12.86 -4.31 0.11
N ASN A 289 12.61 -4.78 -1.11
CA ASN A 289 11.24 -4.88 -1.64
C ASN A 289 10.79 -6.28 -1.98
N ALA A 290 11.60 -7.04 -2.72
CA ALA A 290 11.16 -8.37 -3.21
C ALA A 290 11.01 -9.37 -2.06
N THR A 291 11.76 -9.12 -0.99
CA THR A 291 11.72 -9.93 0.21
C THR A 291 10.38 -9.85 0.96
N LEU A 292 9.54 -8.89 0.57
CA LEU A 292 8.25 -8.68 1.19
C LEU A 292 7.12 -9.32 0.38
N ALA A 293 7.41 -9.82 -0.82
CA ALA A 293 6.38 -10.33 -1.73
C ALA A 293 5.63 -11.53 -1.19
N GLY A 294 6.31 -12.36 -0.41
CA GLY A 294 5.67 -13.52 0.19
C GLY A 294 4.58 -13.12 1.20
N GLY A 295 4.71 -11.96 1.83
CA GLY A 295 3.67 -11.45 2.74
C GLY A 295 2.40 -11.08 1.98
N VAL A 296 2.57 -10.33 0.90
CA VAL A 296 1.45 -9.93 0.05
C VAL A 296 0.71 -11.14 -0.54
N ALA A 297 1.48 -12.07 -1.08
CA ALA A 297 0.93 -13.25 -1.79
C ALA A 297 0.14 -14.24 -0.93
N VAL A 298 0.35 -14.25 0.40
CA VAL A 298 -0.46 -15.07 1.30
C VAL A 298 -1.49 -14.29 2.09
N GLY A 299 -1.69 -13.02 1.76
CA GLY A 299 -2.69 -12.19 2.43
C GLY A 299 -4.05 -12.86 2.52
N THR A 300 -4.55 -13.34 1.39
CA THR A 300 -5.85 -13.98 1.32
C THR A 300 -5.82 -15.42 1.87
N ALA A 301 -4.82 -16.19 1.46
CA ALA A 301 -4.76 -17.63 1.75
C ALA A 301 -4.20 -18.00 3.12
N ALA A 302 -3.47 -17.07 3.77
CA ALA A 302 -2.75 -17.41 4.99
C ALA A 302 -3.67 -18.02 6.06
N GLU A 303 -4.87 -17.45 6.21
CA GLU A 303 -5.80 -17.95 7.19
C GLU A 303 -6.46 -19.28 6.76
N MET A 304 -6.45 -19.57 5.45
CA MET A 304 -7.09 -20.76 4.89
C MET A 304 -6.21 -22.00 4.77
N MET A 305 -4.89 -21.82 4.60
CA MET A 305 -4.00 -22.95 4.31
C MET A 305 -3.73 -23.82 5.53
N LEU A 306 -4.11 -25.08 5.44
CA LEU A 306 -3.98 -26.02 6.56
C LEU A 306 -2.57 -26.57 6.76
N MET A 307 -1.67 -26.32 5.80
CA MET A 307 -0.29 -26.81 5.90
C MET A 307 0.73 -25.75 5.52
N PRO A 308 1.82 -25.62 6.31
CA PRO A 308 2.80 -24.57 6.04
C PRO A 308 3.64 -24.74 4.77
N TYR A 309 3.81 -25.96 4.28
CA TYR A 309 4.69 -26.15 3.13
C TYR A 309 4.17 -25.38 1.90
N GLY A 310 2.85 -25.22 1.79
CA GLY A 310 2.25 -24.42 0.72
C GLY A 310 2.65 -22.95 0.82
N ALA A 311 2.71 -22.43 2.05
CA ALA A 311 3.14 -21.05 2.27
C ALA A 311 4.60 -20.85 1.86
N LEU A 312 5.45 -21.83 2.15
CA LEU A 312 6.83 -21.79 1.69
C LEU A 312 6.91 -21.73 0.16
N ILE A 313 6.09 -22.52 -0.51
CA ILE A 313 6.06 -22.51 -1.97
C ILE A 313 5.64 -21.14 -2.52
N ILE A 314 4.62 -20.54 -1.92
CA ILE A 314 4.14 -19.22 -2.37
C ILE A 314 5.24 -18.16 -2.22
N GLY A 315 5.89 -18.15 -1.07
CA GLY A 315 7.04 -17.28 -0.84
C GLY A 315 8.19 -17.58 -1.78
N PHE A 316 8.42 -18.85 -2.05
CA PHE A 316 9.48 -19.28 -2.96
C PHE A 316 9.29 -18.65 -4.34
N VAL A 317 8.10 -18.84 -4.90
CA VAL A 317 7.77 -18.42 -6.26
C VAL A 317 7.73 -16.88 -6.35
N CYS A 318 7.15 -16.24 -5.35
CA CYS A 318 6.93 -14.80 -5.38
C CYS A 318 8.21 -13.99 -5.20
N GLY A 319 9.17 -14.51 -4.44
CA GLY A 319 10.50 -13.88 -4.38
C GLY A 319 11.14 -13.86 -5.77
N ILE A 320 11.00 -14.97 -6.49
CA ILE A 320 11.54 -15.08 -7.83
C ILE A 320 10.85 -14.12 -8.79
N ILE A 321 9.51 -14.15 -8.79
CA ILE A 321 8.71 -13.33 -9.69
C ILE A 321 8.90 -11.84 -9.41
N SER A 322 8.88 -11.46 -8.15
CA SER A 322 9.08 -10.08 -7.76
C SER A 322 10.42 -9.54 -8.24
N THR A 323 11.47 -10.32 -8.02
CA THR A 323 12.82 -9.91 -8.42
C THR A 323 12.93 -9.81 -9.96
N LEU A 324 12.42 -10.81 -10.70
CA LEU A 324 12.34 -10.72 -12.17
C LEU A 324 11.60 -9.46 -12.61
N GLY A 325 10.53 -9.11 -11.89
CA GLY A 325 9.76 -7.92 -12.19
C GLY A 325 10.59 -6.66 -12.11
N PHE A 326 11.31 -6.48 -10.99
CA PHE A 326 12.21 -5.34 -10.82
C PHE A 326 13.23 -5.25 -11.96
N VAL A 327 13.84 -6.37 -12.32
CA VAL A 327 14.91 -6.36 -13.33
C VAL A 327 14.38 -6.17 -14.76
N TYR A 328 13.34 -6.90 -15.12
CA TYR A 328 12.86 -6.95 -16.50
C TYR A 328 11.53 -6.26 -16.74
N LEU A 329 10.57 -6.38 -15.81
CA LEU A 329 9.24 -5.89 -16.09
C LEU A 329 9.15 -4.38 -15.92
N THR A 330 9.70 -3.85 -14.83
CA THR A 330 9.68 -2.41 -14.59
C THR A 330 10.20 -1.58 -15.78
N PRO A 331 11.43 -1.88 -16.29
CA PRO A 331 11.95 -1.14 -17.45
C PRO A 331 11.10 -1.28 -18.71
N PHE A 332 10.57 -2.49 -18.94
CA PHE A 332 9.68 -2.73 -20.07
C PHE A 332 8.41 -1.88 -19.97
N LEU A 333 7.75 -1.92 -18.82
CA LEU A 333 6.51 -1.17 -18.60
C LEU A 333 6.70 0.34 -18.70
N GLU A 334 7.87 0.81 -18.26
CA GLU A 334 8.20 2.23 -18.36
C GLU A 334 8.51 2.61 -19.81
N SER A 335 9.32 1.78 -20.48
CA SER A 335 9.70 2.00 -21.88
C SER A 335 8.52 1.92 -22.84
N ARG A 336 7.81 0.79 -22.82
CA ARG A 336 6.84 0.46 -23.85
C ARG A 336 5.41 0.87 -23.50
N LEU A 337 5.09 0.94 -22.21
CA LEU A 337 3.72 1.22 -21.76
C LEU A 337 3.57 2.52 -20.94
N HIS A 338 4.68 3.24 -20.78
CA HIS A 338 4.71 4.58 -20.19
C HIS A 338 4.25 4.61 -18.74
N ILE A 339 4.60 3.55 -18.01
CA ILE A 339 4.27 3.41 -16.61
C ILE A 339 5.53 3.65 -15.79
N GLN A 340 5.61 4.83 -15.18
CA GLN A 340 6.74 5.22 -14.33
C GLN A 340 6.38 4.90 -12.87
N ASP A 341 7.01 3.85 -12.34
CA ASP A 341 6.66 3.22 -11.05
C ASP A 341 7.86 3.33 -10.11
N THR A 342 7.92 4.42 -9.34
CA THR A 342 9.12 4.76 -8.58
C THR A 342 9.62 3.61 -7.70
N CYS A 343 8.72 3.04 -6.90
CA CYS A 343 9.09 1.98 -5.95
C CYS A 343 8.86 0.58 -6.50
N GLY A 344 8.55 0.44 -7.78
CA GLY A 344 8.26 -0.87 -8.36
C GLY A 344 7.12 -1.61 -7.68
N ILE A 345 6.05 -0.88 -7.36
CA ILE A 345 4.92 -1.46 -6.63
C ILE A 345 4.24 -2.56 -7.42
N ASN A 346 4.33 -2.53 -8.75
CA ASN A 346 3.83 -3.64 -9.56
C ASN A 346 4.49 -4.99 -9.20
N ASN A 347 5.75 -4.95 -8.79
CA ASN A 347 6.53 -6.15 -8.52
C ASN A 347 6.31 -6.70 -7.10
N LEU A 348 5.89 -5.83 -6.19
CA LEU A 348 5.70 -6.19 -4.80
C LEU A 348 4.21 -6.37 -4.48
N HIS A 349 3.43 -5.33 -4.77
CA HIS A 349 2.02 -5.29 -4.39
C HIS A 349 1.08 -5.76 -5.50
N GLY A 350 1.41 -5.43 -6.75
CA GLY A 350 0.54 -5.73 -7.89
C GLY A 350 0.46 -7.19 -8.30
N ILE A 351 1.56 -7.71 -8.82
CA ILE A 351 1.61 -9.09 -9.30
C ILE A 351 1.46 -10.09 -8.14
N PRO A 352 2.21 -9.90 -7.05
CA PRO A 352 1.97 -10.77 -5.90
C PRO A 352 0.56 -10.63 -5.28
N GLY A 353 -0.05 -9.45 -5.41
CA GLY A 353 -1.44 -9.25 -4.99
C GLY A 353 -2.41 -10.11 -5.79
N ILE A 354 -2.25 -10.09 -7.12
CA ILE A 354 -3.07 -10.89 -8.02
C ILE A 354 -2.82 -12.39 -7.77
N ILE A 355 -1.55 -12.77 -7.63
CA ILE A 355 -1.19 -14.14 -7.26
C ILE A 355 -1.89 -14.53 -5.95
N GLY A 356 -1.80 -13.66 -4.95
CA GLY A 356 -2.48 -13.88 -3.67
C GLY A 356 -3.98 -14.07 -3.84
N GLY A 357 -4.61 -13.25 -4.67
CA GLY A 357 -6.02 -13.41 -4.97
C GLY A 357 -6.34 -14.75 -5.63
N ILE A 358 -5.51 -15.15 -6.60
CA ILE A 358 -5.71 -16.44 -7.29
C ILE A 358 -5.49 -17.62 -6.33
N VAL A 359 -4.43 -17.57 -5.54
CA VAL A 359 -4.16 -18.66 -4.59
C VAL A 359 -5.26 -18.73 -3.53
N GLY A 360 -5.79 -17.58 -3.14
CA GLY A 360 -6.94 -17.51 -2.24
C GLY A 360 -8.16 -18.23 -2.78
N ALA A 361 -8.44 -18.06 -4.06
CA ALA A 361 -9.55 -18.74 -4.72
C ALA A 361 -9.36 -20.25 -4.73
N VAL A 362 -8.19 -20.69 -5.18
CA VAL A 362 -7.87 -22.12 -5.25
C VAL A 362 -7.94 -22.74 -3.86
N THR A 363 -7.39 -22.04 -2.87
CA THR A 363 -7.38 -22.52 -1.49
C THR A 363 -8.81 -22.55 -0.92
N ALA A 364 -9.60 -21.52 -1.23
CA ALA A 364 -11.03 -21.51 -0.87
C ALA A 364 -11.76 -22.72 -1.44
N ALA A 365 -11.55 -23.02 -2.72
CA ALA A 365 -12.24 -24.12 -3.38
C ALA A 365 -11.86 -25.50 -2.83
N SER A 366 -10.66 -25.62 -2.28
CA SER A 366 -10.20 -26.88 -1.70
C SER A 366 -10.84 -27.16 -0.34
N ASP A 389 -17.11 -28.60 -1.08
CA ASP A 389 -17.87 -29.30 -2.11
C ASP A 389 -18.30 -28.28 -3.19
N TRP A 390 -19.57 -28.28 -3.59
CA TRP A 390 -20.10 -27.22 -4.47
C TRP A 390 -20.03 -25.85 -3.80
N THR A 391 -20.28 -25.82 -2.49
CA THR A 391 -20.17 -24.59 -1.71
C THR A 391 -18.72 -24.08 -1.69
N ALA A 392 -17.76 -25.00 -1.68
CA ALA A 392 -16.35 -24.66 -1.78
C ALA A 392 -16.05 -24.16 -3.20
N ARG A 393 -16.53 -24.88 -4.20
CA ARG A 393 -16.37 -24.46 -5.59
C ARG A 393 -16.92 -23.06 -5.83
N THR A 394 -18.13 -22.79 -5.35
CA THR A 394 -18.76 -21.47 -5.55
C THR A 394 -18.02 -20.35 -4.82
N GLN A 395 -17.50 -20.65 -3.62
CA GLN A 395 -16.66 -19.69 -2.90
C GLN A 395 -15.46 -19.33 -3.77
N GLY A 396 -14.86 -20.33 -4.41
CA GLY A 396 -13.72 -20.13 -5.28
C GLY A 396 -14.00 -19.17 -6.42
N LYS A 397 -15.17 -19.31 -7.03
CA LYS A 397 -15.55 -18.47 -8.15
C LYS A 397 -15.78 -17.02 -7.70
N PHE A 398 -16.33 -16.85 -6.51
CA PHE A 398 -16.62 -15.53 -5.98
C PHE A 398 -15.37 -14.81 -5.50
N GLN A 399 -14.37 -15.57 -5.04
CA GLN A 399 -13.03 -15.01 -4.76
C GLN A 399 -12.46 -14.39 -6.03
N ILE A 400 -12.60 -15.10 -7.15
CA ILE A 400 -12.18 -14.59 -8.45
C ILE A 400 -13.02 -13.38 -8.86
N TYR A 401 -14.32 -13.40 -8.57
CA TYR A 401 -15.15 -12.23 -8.85
C TYR A 401 -14.62 -11.02 -8.10
N GLY A 402 -14.26 -11.20 -6.83
CA GLY A 402 -13.67 -10.16 -6.00
C GLY A 402 -12.37 -9.57 -6.57
N LEU A 403 -11.53 -10.43 -7.13
CA LEU A 403 -10.31 -9.98 -7.79
C LEU A 403 -10.62 -9.11 -9.01
N LEU A 404 -11.57 -9.56 -9.83
CA LEU A 404 -11.93 -8.83 -11.04
C LEU A 404 -12.61 -7.51 -10.72
N VAL A 405 -13.46 -7.51 -9.69
CA VAL A 405 -14.09 -6.28 -9.22
C VAL A 405 -13.05 -5.30 -8.66
N THR A 406 -12.09 -5.81 -7.90
CA THR A 406 -11.01 -4.97 -7.35
C THR A 406 -10.24 -4.27 -8.48
N LEU A 407 -9.87 -5.02 -9.51
CA LEU A 407 -9.16 -4.47 -10.65
C LEU A 407 -9.96 -3.42 -11.40
N ALA A 408 -11.27 -3.68 -11.57
CA ALA A 408 -12.14 -2.76 -12.28
C ALA A 408 -12.23 -1.43 -11.52
N MET A 409 -12.42 -1.52 -10.21
CA MET A 409 -12.48 -0.35 -9.34
C MET A 409 -11.16 0.43 -9.34
N ALA A 410 -10.05 -0.29 -9.30
CA ALA A 410 -8.72 0.32 -9.32
C ALA A 410 -8.49 1.10 -10.62
N LEU A 411 -8.87 0.50 -11.75
CA LEU A 411 -8.72 1.14 -13.06
C LEU A 411 -9.64 2.36 -13.20
N MET A 412 -10.94 2.17 -13.00
CA MET A 412 -11.91 3.26 -13.16
C MET A 412 -11.63 4.39 -12.16
N GLY A 413 -11.44 4.02 -10.90
CA GLY A 413 -11.08 5.00 -9.87
C GLY A 413 -9.80 5.74 -10.19
N GLY A 414 -8.79 5.02 -10.67
CA GLY A 414 -7.49 5.60 -11.01
C GLY A 414 -7.54 6.58 -12.17
N ILE A 415 -8.41 6.29 -13.13
CA ILE A 415 -8.57 7.18 -14.29
C ILE A 415 -9.16 8.50 -13.82
N ILE A 416 -10.22 8.42 -13.03
CA ILE A 416 -10.90 9.60 -12.51
C ILE A 416 -9.94 10.44 -11.65
N VAL A 417 -9.31 9.80 -10.68
CA VAL A 417 -8.42 10.52 -9.77
C VAL A 417 -7.18 11.02 -10.52
N GLY A 418 -6.63 10.19 -11.39
CA GLY A 418 -5.50 10.60 -12.24
C GLY A 418 -5.77 11.91 -12.97
N LEU A 419 -6.93 11.99 -13.62
CA LEU A 419 -7.30 13.16 -14.41
C LEU A 419 -7.46 14.42 -13.55
N ILE A 420 -7.96 14.26 -12.32
CA ILE A 420 -8.07 15.38 -11.38
C ILE A 420 -6.68 15.85 -10.96
N LEU A 421 -5.82 14.88 -10.64
CA LEU A 421 -4.45 15.17 -10.19
C LEU A 421 -3.59 15.77 -11.30
N ARG A 422 -3.93 15.48 -12.55
CA ARG A 422 -3.18 16.00 -13.70
C ARG A 422 -3.42 17.51 -13.93
N LEU A 423 -4.51 18.05 -13.37
CA LEU A 423 -4.78 19.48 -13.48
C LEU A 423 -3.59 20.26 -12.91
N PRO A 424 -3.22 21.37 -13.55
CA PRO A 424 -1.99 22.09 -13.19
C PRO A 424 -2.12 22.97 -11.93
N PHE A 425 -3.07 22.70 -11.05
CA PHE A 425 -3.38 23.61 -9.93
C PHE A 425 -2.66 23.26 -8.63
N TRP A 426 -2.05 22.08 -8.55
CA TRP A 426 -1.69 21.50 -7.26
C TRP A 426 -0.22 21.69 -6.83
N GLY A 427 0.58 22.39 -7.64
CA GLY A 427 1.97 22.68 -7.25
C GLY A 427 2.95 21.53 -7.43
N GLN A 428 2.58 20.58 -8.30
CA GLN A 428 3.48 19.52 -8.74
C GLN A 428 4.77 20.09 -9.37
N PRO A 429 5.90 19.38 -9.21
CA PRO A 429 7.16 19.93 -9.70
C PRO A 429 7.31 19.68 -11.20
N SER A 430 8.30 20.32 -11.82
CA SER A 430 8.60 20.11 -13.26
C SER A 430 9.32 18.78 -13.44
N ASP A 431 9.43 18.36 -14.70
CA ASP A 431 10.06 17.07 -15.03
C ASP A 431 11.53 16.99 -14.63
N GLU A 432 12.21 18.13 -14.51
CA GLU A 432 13.61 18.14 -14.10
C GLU A 432 13.81 18.39 -12.61
N ASN A 433 12.71 18.56 -11.87
CA ASN A 433 12.74 18.81 -10.42
C ASN A 433 12.06 17.75 -9.57
N CYS A 434 11.98 16.52 -10.08
CA CYS A 434 11.41 15.42 -9.34
C CYS A 434 12.47 14.76 -8.46
N PHE A 435 12.00 14.06 -7.43
CA PHE A 435 12.84 13.38 -6.45
C PHE A 435 13.74 14.35 -5.70
N GLU A 436 13.25 15.58 -5.49
CA GLU A 436 14.01 16.63 -4.81
C GLU A 436 13.21 17.25 -3.66
N ASP A 437 13.62 16.99 -2.41
CA ASP A 437 12.95 17.55 -1.22
C ASP A 437 12.94 19.08 -1.19
N ALA A 438 13.99 19.71 -1.71
CA ALA A 438 14.13 21.18 -1.65
C ALA A 438 12.94 21.91 -2.26
N VAL A 439 12.21 21.24 -3.14
CA VAL A 439 11.00 21.83 -3.71
C VAL A 439 9.94 22.12 -2.63
N TYR A 440 9.82 21.25 -1.64
CA TYR A 440 8.75 21.41 -0.63
C TYR A 440 9.25 21.61 0.81
N TRP A 441 10.56 21.48 1.04
CA TRP A 441 11.12 21.60 2.38
C TRP A 441 12.25 22.64 2.45
N GLU A 442 12.30 23.37 3.56
CA GLU A 442 13.48 24.14 3.92
C GLU A 442 14.61 23.14 4.20
N MET A 443 15.73 23.28 3.52
CA MET A 443 16.81 22.30 3.66
C MET A 443 17.70 22.64 4.87
N PRO A 444 18.23 21.61 5.56
CA PRO A 444 18.96 21.81 6.81
C PRO A 444 20.03 22.90 6.77
N GLU A 445 20.11 23.69 7.84
CA GLU A 445 21.05 24.80 7.92
C GLU A 445 22.49 24.32 7.99
N GLY A 446 22.70 23.14 8.58
CA GLY A 446 24.03 22.55 8.67
C GLY A 446 24.63 22.17 7.32
N ASN A 447 23.77 21.99 6.32
CA ASN A 447 24.22 21.75 4.95
C ASN A 447 24.40 23.06 4.18
N SER A 448 23.36 23.91 4.22
CA SER A 448 23.37 25.19 3.54
C SER A 448 23.15 26.32 4.55
C1 BOG B . -1.40 -26.06 -0.54
O1 BOG B . -0.45 -25.07 -0.96
C2 BOG B . -0.81 -27.44 -0.68
O2 BOG B . -0.43 -27.68 -2.04
C3 BOG B . -1.81 -28.50 -0.20
O3 BOG B . -1.19 -29.79 -0.16
C4 BOG B . -2.33 -28.16 1.18
O4 BOG B . -3.41 -29.04 1.50
C5 BOG B . -2.79 -26.72 1.25
O5 BOG B . -1.73 -25.85 0.83
C6 BOG B . -3.22 -26.33 2.66
O6 BOG B . -4.62 -26.02 2.68
C1' BOG B . -0.63 -24.58 -2.30
C2' BOG B . 0.66 -24.77 -3.08
C3' BOG B . 1.33 -23.43 -3.38
C4' BOG B . 0.69 -22.75 -4.59
C5' BOG B . 1.55 -22.90 -5.84
C6' BOG B . 2.57 -21.77 -5.96
C7' BOG B . 1.96 -20.55 -6.65
C8' BOG B . 2.66 -19.28 -6.23
#